data_1JTA
#
_entry.id   1JTA
#
_cell.length_a   87.549
_cell.length_b   53.802
_cell.length_c   71.039
_cell.angle_alpha   90.00
_cell.angle_beta   109.45
_cell.angle_gamma   90.00
#
_symmetry.space_group_name_H-M   'C 1 2 1'
#
loop_
_entity.id
_entity.type
_entity.pdbx_description
1 polymer 'pectate lyase A'
2 non-polymer 'SULFATE ION'
3 water water
#
_entity_poly.entity_id   1
_entity_poly.type   'polypeptide(L)'
_entity_poly.pdbx_seq_one_letter_code
;AELVSDKALESAPTVGWASQNGFTTGGAAATSDNIYIVTNISEFTSALSAGAEAKIIQIKGTIDISGGTPYTDFADQKAR
SQINIPANTTVIGLGTDAKFINGSLIIDGTDGTNNVIIRNVYIQTPIDVEPHYEKGDGWNAEWDAMNITNGAHHVWIDHV
TISDGNFTDDMYTTKDGETYVQHDGALDIKRGSDYVTISNSLIDQHDKTMLIGHNDTNSAQDKGKLHVTLFNNVFNRVTE
RAPRVRYGSIHSFNNVFKGDAKDPVYRYQYSFGIGTSGSVLSEGNSFTIANLSASKACKVVKKFNGSIFSDNGSVLNGSA
VDLSGCGFSAYTSKIPYIYDVQPMTTELAQSITDNAGSGKL
;
_entity_poly.pdbx_strand_id   A
#
loop_
_chem_comp.id
_chem_comp.type
_chem_comp.name
_chem_comp.formula
SO4 non-polymer 'SULFATE ION' 'O4 S -2'
#
# COMPACT_ATOMS: atom_id res chain seq x y z
N ALA A 1 -3.96 15.56 -24.44
CA ALA A 1 -2.63 16.18 -24.19
C ALA A 1 -1.52 15.26 -24.68
N GLU A 2 -0.29 15.77 -24.65
CA GLU A 2 0.85 15.00 -25.10
C GLU A 2 1.32 14.01 -24.04
N LEU A 3 1.85 12.89 -24.50
CA LEU A 3 2.37 11.88 -23.60
C LEU A 3 3.83 12.22 -23.38
N VAL A 4 4.15 12.72 -22.18
CA VAL A 4 5.51 13.11 -21.87
C VAL A 4 6.37 11.87 -21.69
N SER A 5 5.86 10.94 -20.88
CA SER A 5 6.55 9.71 -20.57
C SER A 5 6.06 8.51 -21.39
N ASP A 6 6.97 7.91 -22.13
CA ASP A 6 6.64 6.74 -22.94
C ASP A 6 6.50 5.55 -22.00
N LYS A 7 7.10 5.67 -20.82
CA LYS A 7 7.06 4.63 -19.80
C LYS A 7 5.63 4.49 -19.29
N ALA A 8 4.81 5.49 -19.55
CA ALA A 8 3.43 5.50 -19.11
C ALA A 8 2.59 4.38 -19.74
N LEU A 9 2.99 3.93 -20.93
CA LEU A 9 2.27 2.87 -21.63
C LEU A 9 2.59 1.46 -21.15
N GLU A 10 3.58 1.34 -20.29
CA GLU A 10 3.98 0.04 -19.78
C GLU A 10 2.92 -0.61 -18.90
N SER A 11 2.80 -1.94 -19.01
CA SER A 11 1.84 -2.69 -18.22
C SER A 11 2.58 -3.30 -17.03
N ALA A 12 1.84 -3.99 -16.16
CA ALA A 12 2.47 -4.62 -15.00
C ALA A 12 3.44 -5.70 -15.46
N PRO A 13 4.46 -5.99 -14.64
CA PRO A 13 5.46 -7.01 -14.98
C PRO A 13 4.88 -8.42 -15.02
N THR A 14 5.60 -9.33 -15.66
CA THR A 14 5.14 -10.71 -15.74
C THR A 14 5.00 -11.30 -14.34
N VAL A 15 5.85 -10.84 -13.43
CA VAL A 15 5.83 -11.30 -12.05
C VAL A 15 4.73 -10.60 -11.26
N GLY A 16 4.00 -11.35 -10.45
CA GLY A 16 2.96 -10.75 -9.63
C GLY A 16 1.53 -11.12 -9.95
N TRP A 17 0.69 -11.11 -8.90
CA TRP A 17 -0.71 -11.45 -9.05
C TRP A 17 -1.50 -10.50 -9.94
N ALA A 18 -1.00 -9.28 -10.12
CA ALA A 18 -1.71 -8.32 -10.97
C ALA A 18 -1.64 -8.73 -12.44
N SER A 19 -0.90 -9.80 -12.71
CA SER A 19 -0.76 -10.30 -14.08
C SER A 19 -1.28 -11.72 -14.21
N GLN A 20 -2.07 -12.14 -13.22
CA GLN A 20 -2.68 -13.47 -13.21
C GLN A 20 -4.18 -13.32 -13.43
N ASN A 21 -4.78 -14.27 -14.14
CA ASN A 21 -6.20 -14.24 -14.43
C ASN A 21 -6.51 -12.95 -15.18
N GLY A 22 -5.59 -12.56 -16.05
CA GLY A 22 -5.75 -11.34 -16.82
C GLY A 22 -4.57 -10.42 -16.59
N PHE A 23 -4.44 -9.39 -17.42
CA PHE A 23 -3.33 -8.46 -17.29
C PHE A 23 -3.78 -7.11 -16.75
N THR A 24 -2.82 -6.37 -16.19
CA THR A 24 -3.08 -5.04 -15.67
C THR A 24 -2.33 -4.11 -16.61
N THR A 25 -3.07 -3.47 -17.51
CA THR A 25 -2.50 -2.56 -18.48
C THR A 25 -2.91 -1.12 -18.23
N GLY A 26 -3.80 -0.91 -17.28
CA GLY A 26 -4.26 0.43 -16.97
C GLY A 26 -4.89 1.11 -18.19
N GLY A 27 -4.47 2.33 -18.48
CA GLY A 27 -5.02 3.06 -19.61
C GLY A 27 -4.12 3.07 -20.83
N ALA A 28 -3.26 2.05 -20.94
CA ALA A 28 -2.33 1.94 -22.06
C ALA A 28 -2.95 2.10 -23.43
N ALA A 29 -4.24 1.77 -23.56
CA ALA A 29 -4.94 1.86 -24.84
C ALA A 29 -5.67 3.18 -25.07
N ALA A 30 -5.37 4.17 -24.23
CA ALA A 30 -6.01 5.47 -24.34
C ALA A 30 -5.77 6.21 -25.66
N THR A 31 -6.79 6.93 -26.10
CA THR A 31 -6.69 7.72 -27.33
C THR A 31 -6.10 9.06 -26.89
N SER A 32 -5.61 9.84 -27.85
CA SER A 32 -5.00 11.13 -27.52
C SER A 32 -5.93 12.00 -26.66
N ASP A 33 -7.23 11.92 -26.91
CA ASP A 33 -8.21 12.69 -26.17
C ASP A 33 -8.27 12.27 -24.69
N ASN A 34 -7.78 11.07 -24.41
CA ASN A 34 -7.80 10.55 -23.05
C ASN A 34 -6.43 10.46 -22.39
N ILE A 35 -5.51 11.31 -22.85
CA ILE A 35 -4.18 11.40 -22.28
C ILE A 35 -4.16 12.80 -21.70
N TYR A 36 -3.97 12.91 -20.39
CA TYR A 36 -4.00 14.20 -19.72
C TYR A 36 -2.76 14.56 -18.92
N ILE A 37 -2.64 15.85 -18.64
CA ILE A 37 -1.57 16.41 -17.82
C ILE A 37 -2.35 17.28 -16.85
N VAL A 38 -2.36 16.90 -15.58
CA VAL A 38 -3.10 17.66 -14.59
C VAL A 38 -2.21 18.28 -13.53
N THR A 39 -2.53 19.51 -13.15
CA THR A 39 -1.74 20.25 -12.17
C THR A 39 -2.52 20.63 -10.91
N ASN A 40 -3.80 20.29 -10.87
CA ASN A 40 -4.61 20.60 -9.70
C ASN A 40 -5.75 19.59 -9.54
N ILE A 41 -6.43 19.65 -8.41
CA ILE A 41 -7.51 18.70 -8.15
C ILE A 41 -8.66 18.82 -9.15
N SER A 42 -8.97 20.03 -9.60
CA SER A 42 -10.06 20.19 -10.56
C SER A 42 -9.77 19.46 -11.87
N GLU A 43 -8.56 19.62 -12.39
CA GLU A 43 -8.19 18.97 -13.64
C GLU A 43 -8.16 17.46 -13.44
N PHE A 44 -7.75 17.03 -12.25
CA PHE A 44 -7.68 15.61 -11.94
C PHE A 44 -9.05 14.95 -11.97
N THR A 45 -10.04 15.53 -11.28
CA THR A 45 -11.38 14.95 -11.27
C THR A 45 -12.04 15.04 -12.64
N SER A 46 -11.67 16.07 -13.41
CA SER A 46 -12.22 16.25 -14.75
C SER A 46 -11.75 15.09 -15.62
N ALA A 47 -10.46 14.78 -15.54
CA ALA A 47 -9.89 13.69 -16.33
C ALA A 47 -10.50 12.36 -15.92
N LEU A 48 -10.68 12.17 -14.61
CA LEU A 48 -11.25 10.94 -14.10
C LEU A 48 -12.69 10.72 -14.58
N SER A 49 -13.36 11.80 -14.98
CA SER A 49 -14.74 11.70 -15.44
C SER A 49 -14.88 10.95 -16.76
N ALA A 50 -13.77 10.48 -17.31
CA ALA A 50 -13.80 9.73 -18.57
C ALA A 50 -14.33 8.32 -18.32
N GLY A 51 -14.57 8.01 -17.05
CA GLY A 51 -15.11 6.72 -16.67
C GLY A 51 -14.25 5.50 -16.99
N ALA A 52 -14.86 4.52 -17.63
CA ALA A 52 -14.17 3.28 -17.99
C ALA A 52 -13.32 3.38 -19.25
N GLU A 53 -13.37 4.53 -19.92
CA GLU A 53 -12.57 4.73 -21.13
C GLU A 53 -11.09 4.68 -20.76
N ALA A 54 -10.30 3.94 -21.52
CA ALA A 54 -8.86 3.87 -21.26
C ALA A 54 -8.32 5.30 -21.16
N LYS A 55 -7.58 5.58 -20.10
CA LYS A 55 -7.05 6.94 -19.93
C LYS A 55 -5.72 6.96 -19.20
N ILE A 56 -4.86 7.89 -19.59
CA ILE A 56 -3.56 8.06 -18.95
C ILE A 56 -3.57 9.46 -18.37
N ILE A 57 -3.46 9.55 -17.05
CA ILE A 57 -3.48 10.83 -16.36
C ILE A 57 -2.10 11.07 -15.75
N GLN A 58 -1.41 12.06 -16.32
CA GLN A 58 -0.07 12.42 -15.90
C GLN A 58 -0.14 13.54 -14.87
N ILE A 59 0.40 13.25 -13.68
CA ILE A 59 0.39 14.19 -12.57
C ILE A 59 1.63 15.07 -12.55
N LYS A 60 1.41 16.38 -12.57
CA LYS A 60 2.50 17.34 -12.53
C LYS A 60 2.43 18.15 -11.25
N GLY A 61 3.45 18.01 -10.40
CA GLY A 61 3.50 18.74 -9.16
C GLY A 61 2.59 18.17 -8.08
N THR A 62 2.24 19.02 -7.12
CA THR A 62 1.39 18.61 -6.00
C THR A 62 -0.08 18.89 -6.25
N ILE A 63 -0.91 17.87 -6.03
CA ILE A 63 -2.35 17.99 -6.21
C ILE A 63 -2.99 18.03 -4.83
N ASP A 64 -3.56 19.17 -4.46
CA ASP A 64 -4.20 19.31 -3.16
C ASP A 64 -5.66 18.90 -3.28
N ILE A 65 -5.96 17.70 -2.77
CA ILE A 65 -7.32 17.19 -2.86
C ILE A 65 -8.34 18.10 -2.16
N SER A 66 -7.90 18.89 -1.19
CA SER A 66 -8.79 19.80 -0.48
C SER A 66 -9.08 21.08 -1.28
N GLY A 67 -8.35 21.25 -2.39
CA GLY A 67 -8.56 22.42 -3.21
C GLY A 67 -8.25 23.71 -2.48
N GLY A 68 -7.48 23.63 -1.40
CA GLY A 68 -7.12 24.81 -0.64
C GLY A 68 -8.06 25.15 0.49
N THR A 69 -9.11 24.36 0.66
CA THR A 69 -10.08 24.59 1.73
C THR A 69 -10.04 23.45 2.73
N PRO A 70 -9.54 23.72 3.96
CA PRO A 70 -9.49 22.64 4.94
C PRO A 70 -10.86 22.07 5.24
N TYR A 71 -10.92 20.77 5.52
CA TYR A 71 -12.19 20.11 5.82
C TYR A 71 -12.71 20.63 7.15
N THR A 72 -13.99 21.00 7.17
CA THR A 72 -14.60 21.56 8.36
C THR A 72 -15.12 20.52 9.34
N ASP A 73 -15.38 19.31 8.85
CA ASP A 73 -15.87 18.22 9.68
C ASP A 73 -15.84 16.92 8.89
N PHE A 74 -16.29 15.83 9.53
CA PHE A 74 -16.31 14.53 8.88
C PHE A 74 -17.10 14.52 7.58
N ALA A 75 -18.33 15.02 7.62
CA ALA A 75 -19.18 15.04 6.43
C ALA A 75 -18.48 15.74 5.27
N ASP A 76 -17.83 16.86 5.56
CA ASP A 76 -17.12 17.63 4.54
C ASP A 76 -15.95 16.82 3.99
N GLN A 77 -15.15 16.25 4.88
CA GLN A 77 -13.99 15.47 4.43
C GLN A 77 -14.47 14.26 3.63
N LYS A 78 -15.57 13.64 4.04
CA LYS A 78 -16.11 12.49 3.34
C LYS A 78 -16.61 12.89 1.95
N ALA A 79 -17.23 14.06 1.89
CA ALA A 79 -17.80 14.57 0.65
C ALA A 79 -16.78 15.09 -0.37
N ARG A 80 -15.63 15.56 0.09
CA ARG A 80 -14.64 16.12 -0.82
C ARG A 80 -13.29 15.44 -0.98
N SER A 81 -12.88 14.63 -0.01
CA SER A 81 -11.54 14.03 -0.05
C SER A 81 -11.34 12.65 -0.64
N GLN A 82 -12.42 11.93 -0.92
CA GLN A 82 -12.29 10.57 -1.46
C GLN A 82 -12.42 10.60 -2.98
N ILE A 83 -11.29 10.43 -3.65
CA ILE A 83 -11.24 10.47 -5.10
C ILE A 83 -11.21 9.08 -5.73
N ASN A 84 -12.28 8.75 -6.45
CA ASN A 84 -12.41 7.46 -7.10
C ASN A 84 -11.65 7.39 -8.41
N ILE A 85 -10.89 6.31 -8.58
CA ILE A 85 -10.14 6.08 -9.81
C ILE A 85 -10.93 5.02 -10.55
N PRO A 86 -11.44 5.35 -11.76
CA PRO A 86 -12.23 4.40 -12.54
C PRO A 86 -11.41 3.34 -13.26
N ALA A 87 -12.11 2.40 -13.89
CA ALA A 87 -11.47 1.31 -14.61
C ALA A 87 -10.60 1.79 -15.76
N ASN A 88 -9.60 0.97 -16.10
CA ASN A 88 -8.69 1.25 -17.21
C ASN A 88 -8.05 2.62 -17.09
N THR A 89 -7.43 2.86 -15.95
CA THR A 89 -6.78 4.13 -15.70
C THR A 89 -5.33 3.96 -15.30
N THR A 90 -4.49 4.84 -15.79
CA THR A 90 -3.09 4.83 -15.41
C THR A 90 -2.85 6.23 -14.85
N VAL A 91 -2.55 6.30 -13.56
CA VAL A 91 -2.25 7.58 -12.91
C VAL A 91 -0.75 7.48 -12.75
N ILE A 92 -0.02 8.32 -13.49
CA ILE A 92 1.43 8.27 -13.43
C ILE A 92 2.03 9.63 -13.17
N GLY A 93 2.97 9.68 -12.23
CA GLY A 93 3.59 10.94 -11.90
C GLY A 93 4.67 11.34 -12.87
N LEU A 94 4.76 12.64 -13.13
CA LEU A 94 5.78 13.17 -14.02
C LEU A 94 6.95 13.61 -13.15
N GLY A 95 8.15 13.27 -13.58
CA GLY A 95 9.32 13.68 -12.82
C GLY A 95 9.49 13.12 -11.43
N THR A 96 10.16 13.93 -10.60
CA THR A 96 10.48 13.55 -9.23
C THR A 96 9.50 13.96 -8.14
N ASP A 97 8.60 14.88 -8.45
CA ASP A 97 7.70 15.36 -7.41
C ASP A 97 6.18 15.32 -7.60
N ALA A 98 5.66 14.33 -8.31
CA ALA A 98 4.21 14.23 -8.49
C ALA A 98 3.71 13.84 -7.10
N LYS A 99 2.75 14.58 -6.57
CA LYS A 99 2.27 14.32 -5.22
C LYS A 99 0.81 14.64 -4.97
N PHE A 100 0.22 13.89 -4.04
CA PHE A 100 -1.18 14.09 -3.63
C PHE A 100 -1.17 14.37 -2.14
N ILE A 101 -1.99 15.30 -1.68
CA ILE A 101 -2.09 15.61 -0.27
C ILE A 101 -3.56 15.82 0.10
N ASN A 102 -3.85 15.64 1.38
CA ASN A 102 -5.19 15.85 1.94
C ASN A 102 -6.33 15.03 1.36
N GLY A 103 -6.06 13.80 0.95
CA GLY A 103 -7.11 12.97 0.40
C GLY A 103 -6.74 11.51 0.24
N SER A 104 -7.68 10.73 -0.30
CA SER A 104 -7.49 9.31 -0.52
C SER A 104 -7.78 8.96 -1.97
N LEU A 105 -7.01 8.02 -2.52
CA LEU A 105 -7.26 7.55 -3.88
C LEU A 105 -8.01 6.24 -3.68
N ILE A 106 -9.23 6.18 -4.20
CA ILE A 106 -10.08 5.02 -4.03
C ILE A 106 -10.29 4.21 -5.30
N ILE A 107 -10.00 2.92 -5.22
CA ILE A 107 -10.19 2.02 -6.35
C ILE A 107 -11.32 1.12 -5.88
N ASP A 108 -12.55 1.53 -6.21
CA ASP A 108 -13.77 0.86 -5.78
C ASP A 108 -14.41 0.02 -6.89
N GLY A 109 -14.39 -1.30 -6.74
CA GLY A 109 -14.96 -2.17 -7.76
C GLY A 109 -16.48 -2.28 -7.73
N THR A 110 -17.14 -1.46 -6.91
CA THR A 110 -18.60 -1.51 -6.80
C THR A 110 -19.26 -1.15 -8.13
N ASP A 111 -18.53 -0.46 -9.01
CA ASP A 111 -19.06 -0.09 -10.31
C ASP A 111 -18.30 -0.81 -11.41
N GLY A 112 -17.62 -1.89 -11.02
CA GLY A 112 -16.87 -2.69 -11.98
C GLY A 112 -15.42 -2.29 -12.17
N THR A 113 -14.98 -1.26 -11.47
CA THR A 113 -13.62 -0.77 -11.59
C THR A 113 -12.58 -1.88 -11.50
N ASN A 114 -11.66 -1.88 -12.46
CA ASN A 114 -10.60 -2.88 -12.51
C ASN A 114 -9.55 -2.38 -13.49
N ASN A 115 -8.39 -3.03 -13.50
CA ASN A 115 -7.31 -2.67 -14.42
C ASN A 115 -6.85 -1.23 -14.21
N VAL A 116 -6.22 -1.00 -13.06
CA VAL A 116 -5.72 0.33 -12.70
C VAL A 116 -4.25 0.30 -12.31
N ILE A 117 -3.53 1.31 -12.77
CA ILE A 117 -2.11 1.46 -12.48
C ILE A 117 -1.88 2.79 -11.79
N ILE A 118 -1.31 2.75 -10.58
CA ILE A 118 -0.98 3.97 -9.86
C ILE A 118 0.54 3.92 -9.84
N ARG A 119 1.18 4.90 -10.47
CA ARG A 119 2.63 4.85 -10.58
C ARG A 119 3.37 6.18 -10.45
N ASN A 120 4.54 6.10 -9.81
CA ASN A 120 5.42 7.25 -9.63
C ASN A 120 4.80 8.48 -9.00
N VAL A 121 3.98 8.28 -7.97
CA VAL A 121 3.36 9.38 -7.26
C VAL A 121 3.56 9.23 -5.76
N TYR A 122 3.58 10.36 -5.06
CA TYR A 122 3.74 10.39 -3.61
C TYR A 122 2.37 10.72 -3.04
N ILE A 123 1.94 9.97 -2.04
CA ILE A 123 0.66 10.25 -1.41
C ILE A 123 0.88 10.45 0.07
N GLN A 124 0.61 11.65 0.56
CA GLN A 124 0.78 11.92 1.96
C GLN A 124 -0.52 11.46 2.62
N THR A 125 -0.42 10.73 3.72
CA THR A 125 -1.60 10.23 4.39
C THR A 125 -2.47 11.39 4.85
N PRO A 126 -3.80 11.26 4.69
CA PRO A 126 -4.69 12.34 5.11
C PRO A 126 -4.85 12.43 6.61
N ILE A 127 -5.18 13.62 7.08
CA ILE A 127 -5.40 13.88 8.50
C ILE A 127 -6.90 14.04 8.68
N ASP A 128 -7.48 13.15 9.48
CA ASP A 128 -8.92 13.16 9.75
C ASP A 128 -9.21 14.31 10.71
N VAL A 129 -9.93 15.32 10.23
CA VAL A 129 -10.26 16.49 11.03
C VAL A 129 -11.27 16.23 12.14
N GLU A 130 -11.92 15.08 12.11
CA GLU A 130 -12.90 14.75 13.14
C GLU A 130 -12.94 13.26 13.47
N PRO A 131 -11.88 12.76 14.13
CA PRO A 131 -11.81 11.35 14.51
C PRO A 131 -13.03 10.99 15.33
N HIS A 132 -13.49 9.75 15.22
CA HIS A 132 -14.63 9.31 15.99
C HIS A 132 -14.14 8.48 17.15
N TYR A 133 -14.74 8.67 18.32
CA TYR A 133 -14.31 7.92 19.49
C TYR A 133 -14.93 6.53 19.52
N GLU A 134 -14.11 5.53 19.84
CA GLU A 134 -14.58 4.15 19.89
C GLU A 134 -14.49 3.63 21.32
N LYS A 135 -15.62 3.18 21.85
CA LYS A 135 -15.67 2.66 23.20
C LYS A 135 -14.69 1.51 23.38
N GLY A 136 -13.61 1.76 24.10
CA GLY A 136 -12.61 0.74 24.35
C GLY A 136 -11.36 0.83 23.49
N ASP A 137 -11.29 1.81 22.61
CA ASP A 137 -10.14 1.97 21.74
C ASP A 137 -9.64 3.42 21.66
N GLY A 138 -10.51 4.37 21.97
CA GLY A 138 -10.12 5.77 21.93
C GLY A 138 -10.44 6.41 20.59
N TRP A 139 -9.69 7.44 20.23
CA TRP A 139 -9.91 8.13 18.96
C TRP A 139 -9.47 7.29 17.77
N ASN A 140 -10.31 7.24 16.75
CA ASN A 140 -10.02 6.47 15.54
C ASN A 140 -10.19 7.34 14.29
N ALA A 141 -9.21 7.30 13.40
CA ALA A 141 -9.24 8.06 12.17
C ALA A 141 -9.92 7.22 11.10
N GLU A 142 -10.50 7.87 10.10
CA GLU A 142 -11.26 7.18 9.06
C GLU A 142 -10.62 6.99 7.69
N TRP A 143 -9.80 7.95 7.26
CA TRP A 143 -9.23 7.91 5.91
C TRP A 143 -7.80 7.44 5.70
N ASP A 144 -7.60 6.64 4.66
CA ASP A 144 -6.28 6.14 4.32
C ASP A 144 -5.72 6.88 3.10
N ALA A 145 -4.53 6.49 2.65
CA ALA A 145 -3.92 7.12 1.50
C ALA A 145 -4.48 6.50 0.23
N MET A 146 -4.68 5.18 0.27
CA MET A 146 -5.21 4.46 -0.87
C MET A 146 -6.04 3.28 -0.39
N ASN A 147 -7.18 3.06 -1.01
CA ASN A 147 -8.06 1.97 -0.63
C ASN A 147 -8.57 1.23 -1.86
N ILE A 148 -8.33 -0.07 -1.89
CA ILE A 148 -8.79 -0.94 -2.98
C ILE A 148 -9.89 -1.76 -2.35
N THR A 149 -11.13 -1.57 -2.82
CA THR A 149 -12.26 -2.24 -2.19
C THR A 149 -13.35 -2.73 -3.15
N ASN A 150 -14.36 -3.35 -2.54
CA ASN A 150 -15.53 -3.88 -3.22
C ASN A 150 -15.29 -4.61 -4.55
N GLY A 151 -14.39 -5.58 -4.53
CA GLY A 151 -14.15 -6.38 -5.71
C GLY A 151 -13.26 -5.82 -6.80
N ALA A 152 -12.61 -4.68 -6.55
CA ALA A 152 -11.72 -4.12 -7.56
C ALA A 152 -10.63 -5.16 -7.76
N HIS A 153 -10.15 -5.30 -9.00
CA HIS A 153 -9.12 -6.29 -9.27
C HIS A 153 -8.20 -5.85 -10.39
N HIS A 154 -7.00 -6.43 -10.41
CA HIS A 154 -5.98 -6.10 -11.39
C HIS A 154 -5.54 -4.66 -11.21
N VAL A 155 -4.75 -4.47 -10.17
CA VAL A 155 -4.22 -3.16 -9.80
C VAL A 155 -2.71 -3.28 -9.60
N TRP A 156 -1.97 -2.35 -10.21
CA TRP A 156 -0.53 -2.35 -10.09
C TRP A 156 -0.08 -1.03 -9.47
N ILE A 157 0.53 -1.12 -8.30
CA ILE A 157 1.03 0.04 -7.57
C ILE A 157 2.55 -0.04 -7.74
N ASP A 158 3.13 0.91 -8.45
CA ASP A 158 4.57 0.89 -8.70
C ASP A 158 5.24 2.24 -8.47
N HIS A 159 6.39 2.21 -7.81
CA HIS A 159 7.15 3.42 -7.52
C HIS A 159 6.27 4.48 -6.88
N VAL A 160 5.51 4.07 -5.87
CA VAL A 160 4.65 4.99 -5.14
C VAL A 160 5.23 5.14 -3.76
N THR A 161 5.08 6.33 -3.18
CA THR A 161 5.55 6.57 -1.82
C THR A 161 4.35 7.03 -1.00
N ILE A 162 4.16 6.42 0.16
CA ILE A 162 3.07 6.81 1.06
C ILE A 162 3.77 7.12 2.38
N SER A 163 3.53 8.29 2.92
CA SER A 163 4.17 8.71 4.17
C SER A 163 3.31 9.70 4.91
N ASP A 164 3.46 9.77 6.23
CA ASP A 164 2.71 10.73 7.03
C ASP A 164 3.25 12.11 6.66
N GLY A 165 4.45 12.13 6.08
CA GLY A 165 5.06 13.36 5.63
C GLY A 165 5.11 14.55 6.59
N ASN A 166 4.45 15.63 6.21
CA ASN A 166 4.41 16.87 6.97
C ASN A 166 3.76 16.80 8.35
N PHE A 167 3.03 15.74 8.63
CA PHE A 167 2.37 15.59 9.92
C PHE A 167 2.61 14.19 10.46
N THR A 168 3.63 14.05 11.30
CA THR A 168 3.95 12.75 11.89
C THR A 168 3.24 12.58 13.24
N ASP A 169 3.07 11.34 13.68
CA ASP A 169 2.35 11.06 14.92
C ASP A 169 2.82 11.74 16.20
N ASP A 170 4.08 12.16 16.26
CA ASP A 170 4.58 12.84 17.46
C ASP A 170 3.95 14.23 17.54
N MET A 171 3.28 14.64 16.46
CA MET A 171 2.62 15.94 16.40
C MET A 171 1.15 15.87 16.77
N TYR A 172 0.68 14.69 17.15
CA TYR A 172 -0.72 14.53 17.53
C TYR A 172 -0.95 15.34 18.80
N THR A 173 -2.16 15.85 18.95
CA THR A 173 -2.49 16.58 20.15
C THR A 173 -3.35 15.61 20.94
N THR A 174 -3.97 16.10 22.02
CA THR A 174 -4.83 15.24 22.81
C THR A 174 -6.18 15.94 22.94
N LYS A 175 -7.24 15.15 23.01
CA LYS A 175 -8.57 15.70 23.16
C LYS A 175 -9.31 14.88 24.19
N ASP A 176 -9.93 15.57 25.14
CA ASP A 176 -10.68 14.93 26.20
C ASP A 176 -9.82 13.91 26.95
N GLY A 177 -8.51 14.21 27.03
CA GLY A 177 -7.60 13.34 27.75
C GLY A 177 -7.08 12.11 27.02
N GLU A 178 -7.32 12.04 25.71
CA GLU A 178 -6.86 10.90 24.93
C GLU A 178 -6.07 11.38 23.70
N THR A 179 -5.09 10.59 23.26
CA THR A 179 -4.30 10.97 22.10
C THR A 179 -5.27 11.08 20.90
N TYR A 180 -5.29 12.25 20.29
CA TYR A 180 -6.19 12.54 19.17
C TYR A 180 -5.61 11.99 17.87
N VAL A 181 -5.77 10.68 17.67
CA VAL A 181 -5.28 10.01 16.48
C VAL A 181 -6.01 10.50 15.22
N GLN A 182 -5.26 11.11 14.30
CA GLN A 182 -5.84 11.64 13.07
C GLN A 182 -5.42 10.91 11.80
N HIS A 183 -4.59 9.87 11.94
CA HIS A 183 -4.15 9.06 10.81
C HIS A 183 -4.82 7.69 10.96
N ASP A 184 -5.23 7.09 9.85
CA ASP A 184 -5.84 5.75 9.91
C ASP A 184 -4.79 4.86 9.24
N GLY A 185 -5.24 3.97 8.36
CA GLY A 185 -4.35 3.08 7.64
C GLY A 185 -3.65 3.83 6.52
N ALA A 186 -2.67 3.18 5.90
CA ALA A 186 -1.93 3.79 4.80
C ALA A 186 -2.48 3.25 3.49
N LEU A 187 -2.39 1.94 3.32
CA LEU A 187 -2.87 1.28 2.12
C LEU A 187 -3.73 0.09 2.55
N ASP A 188 -5.00 0.12 2.16
CA ASP A 188 -5.92 -0.96 2.50
C ASP A 188 -6.40 -1.67 1.25
N ILE A 189 -6.52 -2.99 1.34
CA ILE A 189 -7.01 -3.80 0.23
C ILE A 189 -8.03 -4.71 0.91
N LYS A 190 -9.29 -4.62 0.48
CA LYS A 190 -10.33 -5.39 1.14
C LYS A 190 -11.56 -5.73 0.30
N ARG A 191 -12.52 -6.34 0.98
CA ARG A 191 -13.80 -6.73 0.39
C ARG A 191 -13.78 -7.35 -1.00
N GLY A 192 -13.24 -8.56 -1.09
CA GLY A 192 -13.22 -9.26 -2.36
C GLY A 192 -12.32 -8.76 -3.47
N SER A 193 -11.47 -7.78 -3.17
CA SER A 193 -10.56 -7.27 -4.19
C SER A 193 -9.56 -8.40 -4.49
N ASP A 194 -8.89 -8.33 -5.63
CA ASP A 194 -7.96 -9.39 -5.99
C ASP A 194 -6.96 -8.98 -7.07
N TYR A 195 -5.96 -9.82 -7.26
CA TYR A 195 -4.93 -9.63 -8.28
C TYR A 195 -4.27 -8.26 -8.22
N VAL A 196 -3.41 -8.09 -7.22
CA VAL A 196 -2.70 -6.83 -7.00
C VAL A 196 -1.21 -7.06 -6.92
N THR A 197 -0.43 -6.13 -7.45
CA THR A 197 1.02 -6.19 -7.38
C THR A 197 1.52 -4.84 -6.89
N ILE A 198 2.36 -4.88 -5.85
CA ILE A 198 2.94 -3.68 -5.28
C ILE A 198 4.45 -3.81 -5.44
N SER A 199 5.03 -2.95 -6.26
CA SER A 199 6.47 -3.02 -6.51
C SER A 199 7.18 -1.67 -6.45
N ASN A 200 8.48 -1.74 -6.15
CA ASN A 200 9.35 -0.57 -6.10
C ASN A 200 8.76 0.62 -5.38
N SER A 201 8.00 0.34 -4.33
CA SER A 201 7.37 1.41 -3.58
C SER A 201 7.95 1.60 -2.20
N LEU A 202 7.59 2.71 -1.56
CA LEU A 202 8.09 3.05 -0.24
C LEU A 202 6.97 3.55 0.65
N ILE A 203 6.87 2.97 1.84
CA ILE A 203 5.89 3.44 2.82
C ILE A 203 6.82 3.88 3.93
N ASP A 204 6.74 5.15 4.29
CA ASP A 204 7.62 5.72 5.29
C ASP A 204 6.90 6.51 6.39
N GLN A 205 7.28 6.24 7.63
CA GLN A 205 6.71 6.93 8.79
C GLN A 205 5.19 6.85 8.87
N HIS A 206 4.71 5.78 9.51
CA HIS A 206 3.28 5.56 9.67
C HIS A 206 3.04 4.46 10.70
N ASP A 207 1.90 4.49 11.36
CA ASP A 207 1.55 3.50 12.36
C ASP A 207 0.87 2.28 11.73
N LYS A 208 -0.47 2.28 11.73
CA LYS A 208 -1.25 1.18 11.16
C LYS A 208 -1.16 1.31 9.64
N THR A 209 -0.29 0.50 9.05
CA THR A 209 0.01 0.62 7.64
C THR A 209 -0.79 -0.08 6.54
N MET A 210 -0.60 -1.37 6.38
CA MET A 210 -1.30 -2.09 5.30
C MET A 210 -2.16 -3.23 5.80
N LEU A 211 -3.47 -3.04 5.71
CA LEU A 211 -4.42 -4.05 6.15
C LEU A 211 -5.07 -4.67 4.92
N ILE A 212 -4.87 -5.97 4.73
CA ILE A 212 -5.44 -6.69 3.62
C ILE A 212 -6.51 -7.59 4.22
N GLY A 213 -7.77 -7.29 3.90
CA GLY A 213 -8.86 -8.06 4.46
C GLY A 213 -9.30 -7.34 5.72
N HIS A 214 -10.57 -6.97 5.78
CA HIS A 214 -11.12 -6.27 6.93
C HIS A 214 -12.13 -7.14 7.67
N ASN A 215 -12.22 -6.99 8.98
CA ASN A 215 -13.16 -7.79 9.77
C ASN A 215 -14.58 -7.34 9.50
N ASP A 216 -15.20 -7.93 8.47
CA ASP A 216 -16.56 -7.61 8.08
C ASP A 216 -17.49 -8.77 8.41
N THR A 217 -18.79 -8.50 8.42
CA THR A 217 -19.80 -9.52 8.72
C THR A 217 -19.79 -10.73 7.80
N ASN A 218 -19.73 -10.49 6.49
CA ASN A 218 -19.75 -11.57 5.50
C ASN A 218 -18.38 -11.79 4.87
N SER A 219 -17.35 -11.83 5.71
CA SER A 219 -15.96 -12.00 5.25
C SER A 219 -15.64 -13.29 4.49
N ALA A 220 -16.45 -14.33 4.67
CA ALA A 220 -16.20 -15.59 3.98
C ALA A 220 -16.07 -15.37 2.48
N GLN A 221 -16.61 -14.25 2.00
CA GLN A 221 -16.55 -13.93 0.59
C GLN A 221 -15.16 -13.47 0.18
N ASP A 222 -14.26 -13.34 1.15
CA ASP A 222 -12.88 -12.95 0.87
C ASP A 222 -12.06 -14.20 0.59
N LYS A 223 -12.60 -15.36 0.94
CA LYS A 223 -11.88 -16.61 0.75
C LYS A 223 -11.42 -16.81 -0.69
N GLY A 224 -10.15 -17.14 -0.85
CA GLY A 224 -9.60 -17.40 -2.18
C GLY A 224 -9.41 -16.16 -3.03
N LYS A 225 -9.44 -14.98 -2.41
CA LYS A 225 -9.27 -13.73 -3.14
C LYS A 225 -8.13 -12.96 -2.50
N LEU A 226 -8.08 -11.65 -2.75
CA LEU A 226 -7.04 -10.81 -2.17
C LEU A 226 -5.62 -11.36 -2.34
N HIS A 227 -5.27 -11.76 -3.56
CA HIS A 227 -3.93 -12.25 -3.83
C HIS A 227 -3.08 -11.00 -4.08
N VAL A 228 -2.03 -10.80 -3.29
CA VAL A 228 -1.18 -9.64 -3.46
C VAL A 228 0.29 -9.99 -3.48
N THR A 229 1.01 -9.45 -4.45
CA THR A 229 2.44 -9.69 -4.56
C THR A 229 3.16 -8.38 -4.25
N LEU A 230 4.18 -8.45 -3.39
CA LEU A 230 4.95 -7.26 -3.05
C LEU A 230 6.42 -7.58 -3.19
N PHE A 231 7.11 -6.82 -4.03
CA PHE A 231 8.54 -7.05 -4.21
C PHE A 231 9.31 -5.75 -4.45
N ASN A 232 10.53 -5.74 -3.95
CA ASN A 232 11.43 -4.60 -4.04
C ASN A 232 10.86 -3.31 -3.43
N ASN A 233 10.10 -3.46 -2.36
CA ASN A 233 9.53 -2.30 -1.66
C ASN A 233 10.31 -2.04 -0.39
N VAL A 234 10.13 -0.86 0.17
CA VAL A 234 10.77 -0.47 1.41
C VAL A 234 9.69 -0.05 2.39
N PHE A 235 9.75 -0.60 3.60
CA PHE A 235 8.81 -0.27 4.66
C PHE A 235 9.73 0.30 5.74
N ASN A 236 9.74 1.63 5.82
CA ASN A 236 10.60 2.36 6.74
C ASN A 236 9.84 3.11 7.83
N ARG A 237 10.25 2.91 9.08
CA ARG A 237 9.61 3.57 10.22
C ARG A 237 8.11 3.29 10.21
N VAL A 238 7.73 2.03 9.98
CA VAL A 238 6.32 1.65 9.97
C VAL A 238 6.08 0.78 11.20
N THR A 239 5.14 1.20 12.03
CA THR A 239 4.84 0.51 13.28
C THR A 239 4.38 -0.93 13.12
N GLU A 240 3.38 -1.16 12.28
CA GLU A 240 2.86 -2.49 12.10
C GLU A 240 2.04 -2.65 10.82
N ARG A 241 1.72 -3.91 10.51
CA ARG A 241 0.92 -4.28 9.36
C ARG A 241 1.61 -3.97 8.02
N ALA A 242 2.49 -4.88 7.62
CA ALA A 242 3.24 -4.70 6.37
C ALA A 242 3.34 -5.98 5.54
N PRO A 243 2.21 -6.65 5.29
CA PRO A 243 0.87 -6.28 5.75
C PRO A 243 0.34 -7.23 6.81
N ARG A 244 -0.83 -6.89 7.37
CA ARG A 244 -1.53 -7.75 8.30
C ARG A 244 -2.64 -8.25 7.38
N VAL A 245 -2.73 -9.56 7.21
CA VAL A 245 -3.72 -10.09 6.28
C VAL A 245 -4.66 -11.15 6.82
N ARG A 246 -5.90 -11.08 6.35
CA ARG A 246 -6.92 -12.07 6.71
C ARG A 246 -7.53 -12.47 5.37
N TYR A 247 -7.68 -13.78 5.17
CA TYR A 247 -8.22 -14.37 3.95
C TYR A 247 -7.32 -14.30 2.72
N GLY A 248 -6.65 -13.17 2.53
CA GLY A 248 -5.79 -13.00 1.38
C GLY A 248 -4.56 -13.90 1.37
N SER A 249 -3.90 -13.96 0.21
CA SER A 249 -2.70 -14.76 0.03
C SER A 249 -1.60 -13.81 -0.43
N ILE A 250 -0.64 -13.58 0.45
CA ILE A 250 0.45 -12.65 0.19
C ILE A 250 1.78 -13.29 -0.18
N HIS A 251 2.41 -12.74 -1.22
CA HIS A 251 3.73 -13.20 -1.65
C HIS A 251 4.62 -11.97 -1.51
N SER A 252 5.45 -11.96 -0.48
CA SER A 252 6.34 -10.83 -0.21
C SER A 252 7.79 -11.25 -0.32
N PHE A 253 8.46 -10.85 -1.40
CA PHE A 253 9.87 -11.22 -1.56
C PHE A 253 10.78 -10.05 -1.93
N ASN A 254 12.03 -10.15 -1.46
CA ASN A 254 13.05 -9.14 -1.68
C ASN A 254 12.56 -7.73 -1.39
N ASN A 255 12.04 -7.54 -0.18
CA ASN A 255 11.57 -6.23 0.26
C ASN A 255 12.52 -5.84 1.38
N VAL A 256 12.52 -4.56 1.73
CA VAL A 256 13.38 -4.07 2.80
C VAL A 256 12.50 -3.50 3.90
N PHE A 257 12.70 -3.99 5.11
CA PHE A 257 11.96 -3.50 6.27
C PHE A 257 12.98 -2.88 7.21
N LYS A 258 12.84 -1.58 7.45
CA LYS A 258 13.78 -0.89 8.33
C LYS A 258 13.04 -0.19 9.45
N GLY A 259 13.47 -0.44 10.68
CA GLY A 259 12.83 0.19 11.82
C GLY A 259 13.64 0.08 13.08
N ASP A 260 13.02 0.50 14.18
CA ASP A 260 13.66 0.48 15.49
C ASP A 260 12.62 0.08 16.52
N ALA A 261 12.90 -0.97 17.28
CA ALA A 261 11.97 -1.46 18.30
C ALA A 261 11.82 -0.44 19.41
N LYS A 262 12.66 0.59 19.40
CA LYS A 262 12.59 1.62 20.41
C LYS A 262 12.37 2.99 19.77
N ASP A 263 11.85 2.97 18.54
CA ASP A 263 11.55 4.20 17.82
C ASP A 263 10.65 5.01 18.74
N PRO A 264 10.93 6.30 18.91
CA PRO A 264 10.12 7.16 19.78
C PRO A 264 8.78 7.58 19.20
N VAL A 265 8.57 7.35 17.91
CA VAL A 265 7.31 7.73 17.27
C VAL A 265 6.59 6.54 16.63
N TYR A 266 7.34 5.74 15.87
CA TYR A 266 6.76 4.58 15.21
C TYR A 266 7.48 3.32 15.70
N ARG A 267 7.25 2.97 16.95
CA ARG A 267 7.88 1.82 17.60
C ARG A 267 7.48 0.52 16.91
N TYR A 268 8.47 -0.12 16.27
CA TYR A 268 8.25 -1.38 15.55
C TYR A 268 7.60 -2.46 16.39
N GLN A 269 6.49 -3.00 15.92
CA GLN A 269 5.77 -4.06 16.61
C GLN A 269 5.98 -5.39 15.88
N TYR A 270 5.71 -5.37 14.58
CA TYR A 270 5.87 -6.54 13.73
C TYR A 270 5.65 -6.13 12.28
N SER A 271 6.03 -7.01 11.36
CA SER A 271 5.85 -6.71 9.95
C SER A 271 4.67 -7.50 9.39
N PHE A 272 4.75 -8.83 9.47
CA PHE A 272 3.68 -9.68 8.95
C PHE A 272 2.66 -10.05 10.01
N GLY A 273 1.38 -9.78 9.71
CA GLY A 273 0.31 -10.11 10.62
C GLY A 273 -0.48 -11.25 10.01
N ILE A 274 -0.56 -12.38 10.72
CA ILE A 274 -1.26 -13.54 10.20
C ILE A 274 -2.66 -13.64 10.80
N GLY A 275 -3.64 -13.09 10.07
CA GLY A 275 -5.01 -13.11 10.52
C GLY A 275 -5.83 -14.26 9.97
N THR A 276 -7.11 -14.29 10.34
CA THR A 276 -8.03 -15.34 9.90
C THR A 276 -7.94 -15.73 8.43
N SER A 277 -7.62 -17.00 8.18
CA SER A 277 -7.52 -17.54 6.83
C SER A 277 -6.52 -16.83 5.91
N GLY A 278 -5.62 -16.06 6.50
CA GLY A 278 -4.64 -15.36 5.71
C GLY A 278 -3.36 -16.16 5.58
N SER A 279 -2.64 -15.97 4.49
CA SER A 279 -1.40 -16.69 4.28
C SER A 279 -0.33 -15.75 3.74
N VAL A 280 0.91 -15.96 4.17
CA VAL A 280 2.01 -15.12 3.73
C VAL A 280 3.22 -15.97 3.39
N LEU A 281 3.76 -15.76 2.18
CA LEU A 281 4.97 -16.45 1.74
C LEU A 281 6.03 -15.35 1.67
N SER A 282 6.95 -15.38 2.63
CA SER A 282 8.02 -14.41 2.73
C SER A 282 9.31 -15.01 2.20
N GLU A 283 9.96 -14.33 1.26
CA GLU A 283 11.20 -14.84 0.69
C GLU A 283 12.28 -13.79 0.47
N GLY A 284 13.48 -14.08 0.95
CA GLY A 284 14.59 -13.16 0.78
C GLY A 284 14.32 -11.73 1.15
N ASN A 285 13.65 -11.51 2.28
CA ASN A 285 13.38 -10.15 2.73
C ASN A 285 14.49 -9.71 3.67
N SER A 286 14.67 -8.39 3.75
CA SER A 286 15.69 -7.81 4.61
C SER A 286 15.05 -7.07 5.77
N PHE A 287 15.40 -7.47 6.99
CA PHE A 287 14.86 -6.83 8.17
C PHE A 287 16.01 -6.18 8.92
N THR A 288 15.95 -4.87 9.06
CA THR A 288 16.97 -4.15 9.79
C THR A 288 16.19 -3.45 10.89
N ILE A 289 16.09 -4.13 12.03
CA ILE A 289 15.35 -3.60 13.16
C ILE A 289 16.27 -3.30 14.32
N ALA A 290 16.49 -2.02 14.59
CA ALA A 290 17.35 -1.64 15.70
C ALA A 290 16.73 -2.13 17.00
N ASN A 291 17.58 -2.54 17.93
CA ASN A 291 17.14 -3.00 19.23
C ASN A 291 16.26 -4.25 19.22
N LEU A 292 16.46 -5.10 18.20
CA LEU A 292 15.74 -6.35 18.11
C LEU A 292 16.80 -7.43 18.02
N SER A 293 16.84 -8.30 19.01
CA SER A 293 17.82 -9.38 19.06
C SER A 293 17.51 -10.51 18.11
N ALA A 294 18.56 -11.18 17.62
CA ALA A 294 18.38 -12.31 16.71
C ALA A 294 17.65 -13.44 17.44
N SER A 295 17.65 -13.37 18.77
CA SER A 295 16.97 -14.39 19.56
C SER A 295 15.45 -14.19 19.56
N LYS A 296 15.02 -13.02 19.08
CA LYS A 296 13.60 -12.68 19.03
C LYS A 296 13.17 -12.42 17.58
N ALA A 297 13.83 -13.08 16.64
CA ALA A 297 13.53 -12.91 15.22
C ALA A 297 12.07 -13.19 14.88
N CYS A 298 11.43 -14.07 15.64
CA CYS A 298 10.03 -14.39 15.36
C CYS A 298 9.11 -13.19 15.51
N LYS A 299 9.61 -12.13 16.15
CA LYS A 299 8.80 -10.94 16.36
C LYS A 299 8.45 -10.19 15.08
N VAL A 300 9.09 -10.54 13.96
CA VAL A 300 8.80 -9.88 12.69
C VAL A 300 7.45 -10.34 12.16
N VAL A 301 6.93 -11.44 12.70
CA VAL A 301 5.65 -11.97 12.30
C VAL A 301 4.78 -12.15 13.54
N LYS A 302 3.52 -11.75 13.44
CA LYS A 302 2.61 -11.84 14.57
C LYS A 302 1.38 -12.67 14.23
N LYS A 303 1.07 -13.63 15.10
CA LYS A 303 -0.07 -14.49 14.90
C LYS A 303 -1.34 -13.93 15.53
N PHE A 304 -2.39 -13.86 14.72
CA PHE A 304 -3.67 -13.39 15.22
C PHE A 304 -4.54 -14.63 15.19
N ASN A 305 -5.59 -14.67 14.39
CA ASN A 305 -6.40 -15.88 14.36
C ASN A 305 -6.08 -16.74 13.14
N GLY A 306 -4.97 -16.42 12.48
CA GLY A 306 -4.54 -17.18 11.31
C GLY A 306 -3.43 -18.15 11.65
N SER A 307 -2.90 -18.86 10.67
CA SER A 307 -1.84 -19.84 10.91
C SER A 307 -0.77 -19.97 9.84
N ILE A 308 -1.14 -19.71 8.59
CA ILE A 308 -0.23 -19.88 7.46
C ILE A 308 0.83 -18.80 7.22
N PHE A 309 2.09 -19.18 7.42
CA PHE A 309 3.21 -18.27 7.19
C PHE A 309 4.49 -19.07 6.98
N SER A 310 5.21 -18.75 5.91
CA SER A 310 6.46 -19.42 5.60
C SER A 310 7.48 -18.40 5.18
N ASP A 311 8.72 -18.60 5.61
CA ASP A 311 9.80 -17.71 5.22
C ASP A 311 10.95 -18.52 4.70
N ASN A 312 11.59 -17.99 3.66
CA ASN A 312 12.73 -18.65 3.05
C ASN A 312 13.79 -17.60 2.72
N GLY A 313 14.97 -17.77 3.30
CA GLY A 313 16.09 -16.89 3.03
C GLY A 313 16.09 -15.44 3.49
N SER A 314 15.28 -15.08 4.47
CA SER A 314 15.28 -13.70 4.94
C SER A 314 16.43 -13.49 5.91
N VAL A 315 16.76 -12.21 6.14
CA VAL A 315 17.86 -11.87 7.03
C VAL A 315 17.43 -10.77 8.01
N LEU A 316 17.92 -10.86 9.24
CA LEU A 316 17.61 -9.87 10.26
C LEU A 316 18.93 -9.30 10.76
N ASN A 317 19.10 -8.00 10.64
CA ASN A 317 20.31 -7.32 11.07
C ASN A 317 21.61 -7.96 10.59
N GLY A 318 21.66 -8.28 9.31
CA GLY A 318 22.86 -8.86 8.73
C GLY A 318 23.05 -10.37 8.80
N SER A 319 22.18 -11.07 9.53
CA SER A 319 22.31 -12.51 9.64
C SER A 319 21.04 -13.23 9.21
N ALA A 320 21.22 -14.35 8.50
CA ALA A 320 20.09 -15.14 8.04
C ALA A 320 19.27 -15.62 9.22
N VAL A 321 17.95 -15.74 9.03
CA VAL A 321 17.08 -16.21 10.10
C VAL A 321 16.32 -17.45 9.67
N ASP A 322 15.91 -18.24 10.65
CA ASP A 322 15.14 -19.45 10.41
C ASP A 322 13.89 -19.27 11.27
N LEU A 323 12.77 -19.01 10.62
CA LEU A 323 11.52 -18.77 11.34
C LEU A 323 10.60 -19.98 11.35
N SER A 324 11.08 -21.11 10.84
CA SER A 324 10.27 -22.32 10.78
C SER A 324 9.73 -22.73 12.14
N GLY A 325 10.44 -22.37 13.20
CA GLY A 325 10.00 -22.73 14.53
C GLY A 325 9.20 -21.65 15.26
N CYS A 326 8.73 -20.65 14.53
CA CYS A 326 7.97 -19.57 15.15
C CYS A 326 6.52 -19.89 15.49
N GLY A 327 6.07 -21.09 15.12
CA GLY A 327 4.71 -21.48 15.46
C GLY A 327 3.65 -21.35 14.37
N PHE A 328 4.09 -21.36 13.11
CA PHE A 328 3.14 -21.23 12.01
C PHE A 328 3.09 -22.46 11.11
N SER A 329 2.02 -22.55 10.32
CA SER A 329 1.79 -23.64 9.37
C SER A 329 2.37 -23.23 8.02
N ALA A 330 2.79 -24.23 7.24
CA ALA A 330 3.39 -23.98 5.94
C ALA A 330 2.50 -23.38 4.85
N TYR A 331 3.11 -22.53 4.03
CA TYR A 331 2.41 -21.92 2.90
C TYR A 331 2.65 -22.97 1.81
N THR A 332 1.58 -23.61 1.35
CA THR A 332 1.70 -24.66 0.34
C THR A 332 1.19 -24.38 -1.06
N SER A 333 0.24 -23.46 -1.19
CA SER A 333 -0.30 -23.13 -2.51
C SER A 333 0.87 -22.70 -3.39
N LYS A 334 0.93 -23.22 -4.61
CA LYS A 334 2.02 -22.89 -5.52
C LYS A 334 1.84 -21.54 -6.22
N ILE A 335 2.89 -20.73 -6.21
CA ILE A 335 2.87 -19.43 -6.87
C ILE A 335 2.84 -19.74 -8.37
N PRO A 336 1.79 -19.27 -9.07
CA PRO A 336 1.60 -19.49 -10.51
C PRO A 336 2.55 -18.81 -11.49
N TYR A 337 3.16 -17.70 -11.10
CA TYR A 337 4.07 -17.01 -11.99
C TYR A 337 5.54 -17.30 -11.68
N ILE A 338 6.38 -17.10 -12.69
CA ILE A 338 7.81 -17.29 -12.54
C ILE A 338 8.32 -16.04 -11.84
N TYR A 339 9.25 -16.19 -10.91
CA TYR A 339 9.78 -15.01 -10.23
C TYR A 339 11.21 -15.23 -9.79
N ASP A 340 11.98 -14.15 -9.79
CA ASP A 340 13.38 -14.19 -9.43
C ASP A 340 13.65 -13.67 -8.02
N VAL A 341 13.83 -14.60 -7.07
CA VAL A 341 14.13 -14.20 -5.71
C VAL A 341 15.64 -14.28 -5.52
N GLN A 342 16.26 -13.14 -5.30
CA GLN A 342 17.70 -13.07 -5.11
C GLN A 342 18.10 -13.16 -3.65
N PRO A 343 19.31 -13.66 -3.38
CA PRO A 343 19.74 -13.76 -1.98
C PRO A 343 19.79 -12.35 -1.42
N MET A 344 19.31 -12.17 -0.19
CA MET A 344 19.29 -10.86 0.41
C MET A 344 20.63 -10.46 1.02
N THR A 345 21.42 -9.75 0.23
CA THR A 345 22.74 -9.30 0.63
C THR A 345 22.69 -7.82 1.00
N THR A 346 23.78 -7.32 1.56
CA THR A 346 23.85 -5.92 1.95
C THR A 346 23.64 -5.03 0.73
N GLU A 347 24.24 -5.42 -0.39
CA GLU A 347 24.14 -4.67 -1.64
C GLU A 347 22.73 -4.67 -2.22
N LEU A 348 22.03 -5.80 -2.13
CA LEU A 348 20.68 -5.88 -2.66
C LEU A 348 19.77 -4.97 -1.83
N ALA A 349 19.90 -5.06 -0.51
CA ALA A 349 19.10 -4.24 0.37
C ALA A 349 19.30 -2.77 0.06
N GLN A 350 20.55 -2.40 -0.20
CA GLN A 350 20.89 -1.01 -0.52
C GLN A 350 20.28 -0.60 -1.86
N SER A 351 20.39 -1.46 -2.85
CA SER A 351 19.84 -1.18 -4.17
C SER A 351 18.33 -0.97 -4.08
N ILE A 352 17.66 -1.85 -3.36
CA ILE A 352 16.21 -1.75 -3.20
C ILE A 352 15.84 -0.41 -2.56
N THR A 353 16.58 -0.04 -1.53
CA THR A 353 16.35 1.21 -0.82
C THR A 353 16.57 2.41 -1.74
N ASP A 354 17.63 2.37 -2.53
CA ASP A 354 17.94 3.46 -3.44
C ASP A 354 16.93 3.65 -4.57
N ASN A 355 16.26 2.57 -4.95
CA ASN A 355 15.29 2.59 -6.05
C ASN A 355 13.82 2.69 -5.66
N ALA A 356 13.50 2.40 -4.40
CA ALA A 356 12.10 2.42 -3.95
C ALA A 356 11.45 3.80 -3.79
N GLY A 357 10.17 3.87 -4.11
CA GLY A 357 9.44 5.11 -3.96
C GLY A 357 9.19 5.90 -5.23
N SER A 358 8.44 6.99 -5.10
CA SER A 358 8.11 7.83 -6.23
C SER A 358 9.29 8.72 -6.61
N GLY A 359 9.24 9.25 -7.83
CA GLY A 359 10.30 10.11 -8.31
C GLY A 359 11.54 9.37 -8.74
N LYS A 360 11.47 8.05 -8.77
CA LYS A 360 12.60 7.22 -9.15
C LYS A 360 12.30 6.31 -10.34
N LEU A 361 11.22 6.59 -11.05
CA LEU A 361 10.85 5.78 -12.21
C LEU A 361 11.72 6.17 -13.40
S SO4 B . -8.13 -11.69 12.86
O1 SO4 B . -8.94 -11.77 14.09
O2 SO4 B . -9.03 -11.70 11.69
O3 SO4 B . -7.22 -12.84 12.79
O4 SO4 B . -7.35 -10.44 12.86
#